data_4U0O
#
_entry.id   4U0O
#
_cell.length_a   70.880
_cell.length_b   162.800
_cell.length_c   58.600
_cell.angle_alpha   90.000
_cell.angle_beta   90.000
_cell.angle_gamma   90.000
#
_symmetry.space_group_name_H-M   'C 2 2 21'
#
loop_
_entity.id
_entity.type
_entity.pdbx_description
1 polymer 'Lipoyl synthase 2'
2 non-polymer 'IRON/SULFUR CLUSTER'
3 non-polymer 2,3-DIHYDROXY-1,4-DITHIOBUTANE
4 non-polymer "5'-DEOXY-5'-METHYLTHIOADENOSINE"
5 water water
#
_entity_poly.entity_id   1
_entity_poly.type   'polypeptide(L)'
_entity_poly.pdbx_seq_one_letter_code
;MALSRPLPSWLRKPLGKASEISTVQRLVRQYGIHTICEEGRCPNRGECYGQKTATFLLLGPTCTRACAFCQVEKGHAPAA
VDPEEPTKIAAAVATLGLRYVVLTSVARDDLPDQGAGQFVATMAAIRQRCPGTEIEVLSPDFRMDRGRLSQRDCIAQIVA
AQPACYNHNLETVRRLQGPVRRGATYESSLRVLATVKELNPDIPTKSGLMLGLGETEAEIIETLKDLRRVGCDRLTLGQY
LPPSLSHLPVVKYWTPEEFNTLGNIARELGFSHVRSGPLVRSSYHAAEGGHHHHHH
;
_entity_poly.pdbx_strand_id   B
#
# COMPACT_ATOMS: atom_id res chain seq x y z
N PRO A 8 -11.01 1.48 23.53
CA PRO A 8 -11.17 2.90 23.14
C PRO A 8 -12.52 3.11 22.47
N SER A 9 -13.32 4.01 23.02
CA SER A 9 -14.73 4.12 22.64
C SER A 9 -14.96 4.48 21.17
N TRP A 10 -14.15 5.39 20.65
CA TRP A 10 -14.36 5.87 19.27
C TRP A 10 -13.92 4.86 18.23
N LEU A 11 -13.39 3.72 18.67
CA LEU A 11 -12.90 2.70 17.75
C LEU A 11 -13.82 1.49 17.74
N ARG A 12 -14.61 1.35 16.67
CA ARG A 12 -15.59 0.29 16.55
C ARG A 12 -15.64 -0.27 15.13
N ILE A 21 -23.89 -6.27 -0.43
CA ILE A 21 -22.93 -6.24 0.66
C ILE A 21 -21.81 -7.22 0.33
N SER A 22 -22.23 -8.45 -0.01
CA SER A 22 -21.29 -9.53 -0.28
C SER A 22 -21.03 -9.68 -1.78
N THR A 23 -21.45 -8.70 -2.57
CA THR A 23 -21.35 -8.86 -4.03
C THR A 23 -19.89 -8.77 -4.51
N VAL A 24 -19.06 -7.92 -3.90
CA VAL A 24 -17.63 -7.96 -4.15
C VAL A 24 -17.09 -9.27 -3.62
N GLN A 25 -17.46 -9.55 -2.38
CA GLN A 25 -16.95 -10.71 -1.66
C GLN A 25 -17.24 -11.96 -2.47
N ARG A 26 -18.43 -12.01 -3.06
CA ARG A 26 -18.82 -13.10 -3.97
C ARG A 26 -17.93 -13.22 -5.21
N LEU A 27 -17.71 -12.12 -5.92
CA LEU A 27 -16.92 -12.15 -7.16
C LEU A 27 -15.44 -12.48 -6.95
N VAL A 28 -14.83 -11.86 -5.94
CA VAL A 28 -13.42 -12.11 -5.70
C VAL A 28 -13.25 -13.58 -5.36
N ARG A 29 -14.20 -14.11 -4.57
CA ARG A 29 -14.16 -15.52 -4.22
C ARG A 29 -14.38 -16.34 -5.49
N GLN A 30 -15.27 -15.86 -6.37
CA GLN A 30 -15.59 -16.56 -7.62
C GLN A 30 -14.45 -16.57 -8.66
N TYR A 31 -13.67 -15.50 -8.75
CA TYR A 31 -12.58 -15.43 -9.74
C TYR A 31 -11.26 -16.01 -9.22
N GLY A 32 -11.25 -16.41 -7.96
CA GLY A 32 -10.06 -17.04 -7.39
C GLY A 32 -8.92 -16.06 -7.25
N ILE A 33 -9.26 -14.82 -6.97
CA ILE A 33 -8.25 -13.79 -6.75
C ILE A 33 -8.34 -13.26 -5.32
N HIS A 34 -7.55 -12.23 -5.02
CA HIS A 34 -7.41 -11.81 -3.63
C HIS A 34 -7.31 -10.32 -3.48
N THR A 35 -7.92 -9.81 -2.44
CA THR A 35 -7.82 -8.40 -2.11
C THR A 35 -7.11 -8.35 -0.78
N ILE A 36 -6.23 -7.38 -0.63
CA ILE A 36 -5.56 -7.21 0.65
C ILE A 36 -6.71 -6.79 1.56
N CYS A 37 -7.74 -6.18 0.95
CA CYS A 37 -8.98 -5.81 1.62
C CYS A 37 -9.64 -6.99 2.36
N GLU A 38 -10.45 -7.76 1.61
CA GLU A 38 -11.20 -8.92 2.13
C GLU A 38 -10.19 -9.99 2.44
N GLU A 39 -9.33 -9.66 3.37
N GLU A 39 -9.34 -9.66 3.41
CA GLU A 39 -8.35 -10.56 3.88
CA GLU A 39 -8.30 -10.56 3.89
C GLU A 39 -8.04 -9.98 5.26
C GLU A 39 -7.75 -10.03 5.20
N GLY A 40 -7.69 -8.70 5.30
CA GLY A 40 -7.39 -8.03 6.54
C GLY A 40 -8.60 -7.35 7.19
N ARG A 41 -9.80 -7.69 6.73
CA ARG A 41 -11.03 -7.27 7.40
C ARG A 41 -11.02 -5.76 7.65
N CYS A 42 -11.00 -5.00 6.56
CA CYS A 42 -10.71 -3.59 6.62
C CYS A 42 -11.97 -2.85 6.96
N PRO A 43 -11.93 -2.10 8.07
CA PRO A 43 -13.08 -1.32 8.55
C PRO A 43 -13.69 -0.39 7.51
N ASN A 44 -13.02 -0.21 6.37
CA ASN A 44 -13.40 0.85 5.46
C ASN A 44 -14.19 0.38 4.26
N ARG A 45 -14.34 -0.91 4.12
CA ARG A 45 -15.08 -1.38 2.95
C ARG A 45 -16.55 -1.05 3.03
N GLY A 46 -17.13 -0.66 1.91
CA GLY A 46 -18.54 -0.30 1.95
C GLY A 46 -18.59 1.21 1.90
N GLU A 47 -17.72 1.87 2.67
CA GLU A 47 -17.39 3.23 2.27
C GLU A 47 -16.65 3.05 0.92
N CYS A 48 -15.52 2.33 0.94
CA CYS A 48 -14.77 2.01 -0.31
C CYS A 48 -15.57 1.25 -1.37
N TYR A 49 -16.02 0.04 -1.04
CA TYR A 49 -16.91 -0.71 -1.94
C TYR A 49 -18.00 0.20 -2.49
N GLY A 50 -18.63 0.96 -1.60
CA GLY A 50 -19.65 1.91 -1.99
C GLY A 50 -19.14 2.90 -3.04
N GLN A 51 -17.86 3.22 -2.95
CA GLN A 51 -17.25 4.16 -3.88
C GLN A 51 -16.60 3.47 -5.10
N LYS A 52 -16.83 2.18 -5.22
CA LYS A 52 -16.37 1.40 -6.40
C LYS A 52 -14.85 1.40 -6.49
N THR A 53 -14.23 1.17 -5.33
CA THR A 53 -12.80 0.93 -5.27
C THR A 53 -12.51 -0.35 -4.51
N ALA A 54 -11.31 -0.88 -4.70
CA ALA A 54 -10.84 -2.00 -3.91
C ALA A 54 -9.34 -2.13 -4.13
N THR A 55 -8.66 -2.88 -3.25
CA THR A 55 -7.22 -3.15 -3.37
C THR A 55 -6.87 -4.61 -3.57
N PHE A 56 -6.39 -4.93 -4.77
CA PHE A 56 -6.07 -6.31 -5.13
C PHE A 56 -4.65 -6.63 -4.70
N LEU A 57 -4.47 -7.86 -4.25
CA LEU A 57 -3.17 -8.35 -3.78
C LEU A 57 -2.61 -9.30 -4.80
N LEU A 58 -1.49 -8.93 -5.43
CA LEU A 58 -0.89 -9.76 -6.44
C LEU A 58 0.12 -10.68 -5.79
N LEU A 59 0.42 -11.78 -6.46
CA LEU A 59 1.61 -12.58 -6.18
C LEU A 59 1.59 -13.29 -4.83
N GLY A 60 0.42 -13.38 -4.21
CA GLY A 60 0.27 -14.05 -2.95
C GLY A 60 -0.30 -15.44 -3.11
N PRO A 61 -1.19 -15.85 -2.17
CA PRO A 61 -1.76 -15.08 -1.05
C PRO A 61 -0.86 -15.03 0.16
N THR A 62 0.24 -15.76 0.13
CA THR A 62 1.16 -15.80 1.24
C THR A 62 2.36 -14.93 0.94
N CYS A 63 3.00 -14.40 1.98
CA CYS A 63 4.24 -13.63 1.85
C CYS A 63 5.33 -14.30 2.68
N THR A 64 6.58 -14.17 2.24
CA THR A 64 7.67 -14.80 2.94
C THR A 64 8.33 -13.85 3.94
N ARG A 65 8.11 -12.54 3.79
CA ARG A 65 8.71 -11.58 4.72
C ARG A 65 8.03 -11.66 6.05
N ALA A 66 8.54 -10.87 6.99
CA ALA A 66 8.21 -11.08 8.40
C ALA A 66 7.56 -9.89 9.09
N CYS A 67 7.01 -8.92 8.34
CA CYS A 67 6.52 -7.69 8.97
C CYS A 67 5.55 -7.98 10.10
N ALA A 68 5.87 -7.50 11.29
CA ALA A 68 5.10 -7.93 12.45
C ALA A 68 3.68 -7.36 12.54
N PHE A 69 3.41 -6.28 11.80
CA PHE A 69 2.10 -5.65 11.81
C PHE A 69 1.11 -6.24 10.81
N CYS A 70 1.63 -7.05 9.88
CA CYS A 70 0.86 -7.42 8.70
C CYS A 70 0.11 -8.74 8.81
N GLN A 71 -1.13 -8.75 8.39
CA GLN A 71 -2.01 -9.90 8.57
C GLN A 71 -2.00 -10.85 7.38
N VAL A 72 -1.19 -10.58 6.37
CA VAL A 72 -1.10 -11.53 5.28
C VAL A 72 -0.52 -12.83 5.86
N GLU A 73 -1.14 -13.96 5.50
CA GLU A 73 -0.66 -15.29 5.87
C GLU A 73 0.80 -15.44 5.47
N LYS A 74 1.65 -15.89 6.39
CA LYS A 74 3.05 -16.11 6.10
C LYS A 74 3.28 -17.52 5.59
N GLY A 75 4.35 -17.71 4.83
CA GLY A 75 4.75 -19.01 4.34
C GLY A 75 6.25 -19.15 4.15
N HIS A 76 6.73 -20.37 4.12
CA HIS A 76 8.17 -20.59 3.95
C HIS A 76 8.54 -20.41 2.48
N ALA A 77 7.64 -20.82 1.60
CA ALA A 77 7.91 -20.77 0.18
C ALA A 77 7.01 -19.73 -0.48
N PRO A 78 7.55 -19.02 -1.49
CA PRO A 78 6.68 -18.18 -2.31
C PRO A 78 5.61 -19.01 -3.01
N ALA A 79 4.43 -18.44 -3.13
CA ALA A 79 3.36 -19.05 -3.91
C ALA A 79 3.75 -18.98 -5.39
N ALA A 80 3.37 -19.99 -6.16
CA ALA A 80 3.68 -19.96 -7.58
C ALA A 80 2.99 -18.78 -8.24
N VAL A 81 3.67 -18.16 -9.20
CA VAL A 81 3.11 -17.07 -9.97
C VAL A 81 2.01 -17.54 -10.93
N ASP A 82 0.80 -17.02 -10.77
CA ASP A 82 -0.34 -17.31 -11.65
C ASP A 82 -0.30 -16.41 -12.90
N PRO A 83 -0.02 -16.99 -14.08
CA PRO A 83 0.02 -16.13 -15.27
C PRO A 83 -1.35 -15.61 -15.70
N GLU A 84 -2.41 -16.15 -15.13
CA GLU A 84 -3.76 -15.68 -15.41
C GLU A 84 -4.26 -14.68 -14.37
N GLU A 85 -3.46 -14.41 -13.34
CA GLU A 85 -3.89 -13.48 -12.30
C GLU A 85 -4.21 -12.10 -12.89
N PRO A 86 -3.36 -11.61 -13.80
CA PRO A 86 -3.72 -10.31 -14.38
C PRO A 86 -5.08 -10.27 -15.08
N THR A 87 -5.37 -11.30 -15.85
CA THR A 87 -6.59 -11.31 -16.58
C THR A 87 -7.78 -11.58 -15.67
N LYS A 88 -7.61 -12.38 -14.63
CA LYS A 88 -8.68 -12.58 -13.66
C LYS A 88 -9.02 -11.30 -12.87
N ILE A 89 -7.99 -10.54 -12.48
CA ILE A 89 -8.24 -9.26 -11.84
C ILE A 89 -9.00 -8.31 -12.76
N ALA A 90 -8.62 -8.24 -14.03
CA ALA A 90 -9.26 -7.35 -14.99
C ALA A 90 -10.74 -7.71 -15.12
N ALA A 91 -11.03 -9.01 -15.08
CA ALA A 91 -12.41 -9.50 -15.23
C ALA A 91 -13.25 -9.07 -14.02
N ALA A 92 -12.63 -9.15 -12.84
CA ALA A 92 -13.29 -8.73 -11.62
C ALA A 92 -13.55 -7.24 -11.64
N VAL A 93 -12.59 -6.46 -12.09
CA VAL A 93 -12.75 -5.03 -12.19
C VAL A 93 -13.92 -4.68 -13.15
N ALA A 94 -13.98 -5.37 -14.28
CA ALA A 94 -14.99 -5.09 -15.29
C ALA A 94 -16.34 -5.44 -14.71
N THR A 95 -16.43 -6.59 -14.09
CA THR A 95 -17.71 -7.06 -13.52
C THR A 95 -18.22 -6.23 -12.32
N LEU A 96 -17.34 -5.72 -11.48
CA LEU A 96 -17.69 -4.87 -10.37
C LEU A 96 -17.89 -3.44 -10.76
N GLY A 97 -17.54 -3.11 -12.00
CA GLY A 97 -17.56 -1.73 -12.45
C GLY A 97 -16.73 -0.81 -11.58
N LEU A 98 -15.56 -1.26 -11.15
CA LEU A 98 -14.74 -0.40 -10.31
C LEU A 98 -14.20 0.80 -11.10
N ARG A 99 -14.24 1.97 -10.50
CA ARG A 99 -13.76 3.18 -11.17
C ARG A 99 -12.29 3.51 -10.87
N TYR A 100 -11.85 3.08 -9.71
CA TYR A 100 -10.49 3.37 -9.26
C TYR A 100 -10.00 2.10 -8.57
N VAL A 101 -8.83 1.62 -8.98
CA VAL A 101 -8.33 0.34 -8.53
C VAL A 101 -6.95 0.55 -7.92
N VAL A 102 -6.71 0.02 -6.73
CA VAL A 102 -5.37 -0.09 -6.19
C VAL A 102 -4.82 -1.51 -6.35
N LEU A 103 -3.59 -1.59 -6.87
CA LEU A 103 -2.86 -2.84 -6.96
C LEU A 103 -1.72 -2.84 -5.97
N THR A 104 -1.65 -3.90 -5.18
CA THR A 104 -0.50 -4.10 -4.31
C THR A 104 0.00 -5.54 -4.45
N SER A 105 1.03 -5.89 -3.71
CA SER A 105 1.53 -7.25 -3.75
C SER A 105 2.23 -7.58 -2.45
N VAL A 106 2.45 -8.87 -2.25
CA VAL A 106 3.37 -9.31 -1.21
C VAL A 106 4.79 -9.05 -1.76
N ALA A 107 5.81 -9.06 -0.88
CA ALA A 107 7.20 -8.95 -1.36
C ALA A 107 7.57 -10.26 -1.98
N ARG A 108 8.23 -10.23 -3.14
CA ARG A 108 8.67 -11.42 -3.85
C ARG A 108 10.19 -11.38 -4.08
N ASP A 109 10.91 -11.51 -2.98
CA ASP A 109 12.36 -11.55 -2.98
C ASP A 109 12.94 -12.72 -3.78
N ASP A 110 12.09 -13.66 -4.20
CA ASP A 110 12.51 -14.84 -4.93
C ASP A 110 12.53 -14.66 -6.43
N LEU A 111 11.92 -13.59 -6.93
CA LEU A 111 11.70 -13.43 -8.38
C LEU A 111 12.75 -12.51 -8.99
N PRO A 112 13.21 -12.84 -10.21
CA PRO A 112 14.23 -12.00 -10.86
C PRO A 112 13.86 -10.55 -10.99
N ASP A 113 12.57 -10.23 -11.18
CA ASP A 113 12.14 -8.85 -11.26
C ASP A 113 11.36 -8.40 -10.01
N GLN A 114 11.45 -9.21 -8.95
CA GLN A 114 10.78 -8.98 -7.67
C GLN A 114 9.28 -8.67 -7.86
N GLY A 115 8.71 -9.19 -8.92
CA GLY A 115 7.28 -9.07 -9.16
C GLY A 115 6.81 -7.86 -9.96
N ALA A 116 7.73 -7.00 -10.36
CA ALA A 116 7.33 -5.76 -11.02
C ALA A 116 6.50 -6.03 -12.27
N GLY A 117 6.88 -7.04 -13.06
CA GLY A 117 6.16 -7.41 -14.25
C GLY A 117 4.72 -7.75 -14.03
N GLN A 118 4.40 -8.34 -12.88
CA GLN A 118 3.00 -8.72 -12.59
C GLN A 118 2.12 -7.47 -12.47
N PHE A 119 2.66 -6.42 -11.87
CA PHE A 119 1.95 -5.13 -11.79
C PHE A 119 1.69 -4.63 -13.20
N VAL A 120 2.74 -4.66 -14.03
CA VAL A 120 2.66 -4.09 -15.37
C VAL A 120 1.63 -4.88 -16.16
N ALA A 121 1.61 -6.19 -16.03
CA ALA A 121 0.67 -7.01 -16.81
C ALA A 121 -0.77 -6.76 -16.38
N THR A 122 -0.94 -6.66 -15.09
CA THR A 122 -2.27 -6.43 -14.54
C THR A 122 -2.80 -5.06 -14.97
N MET A 123 -1.95 -4.06 -14.99
CA MET A 123 -2.35 -2.74 -15.42
C MET A 123 -2.81 -2.78 -16.92
N ALA A 124 -2.04 -3.50 -17.72
CA ALA A 124 -2.37 -3.64 -19.17
C ALA A 124 -3.70 -4.38 -19.34
N ALA A 125 -3.88 -5.46 -18.58
CA ALA A 125 -5.14 -6.21 -18.67
C ALA A 125 -6.35 -5.37 -18.31
N ILE A 126 -6.22 -4.57 -17.24
CA ILE A 126 -7.29 -3.68 -16.83
C ILE A 126 -7.58 -2.59 -17.87
N ARG A 127 -6.53 -2.01 -18.45
CA ARG A 127 -6.76 -0.96 -19.42
C ARG A 127 -7.35 -1.52 -20.70
N GLN A 128 -7.07 -2.76 -21.05
CA GLN A 128 -7.62 -3.33 -22.29
C GLN A 128 -9.11 -3.56 -22.12
N ARG A 129 -9.48 -4.10 -20.96
CA ARG A 129 -10.87 -4.49 -20.72
C ARG A 129 -11.80 -3.42 -20.18
N CYS A 130 -11.27 -2.54 -19.32
CA CYS A 130 -12.02 -1.50 -18.65
C CYS A 130 -11.42 -0.14 -18.96
N PRO A 131 -11.53 0.31 -20.19
CA PRO A 131 -10.95 1.63 -20.48
C PRO A 131 -11.54 2.72 -19.58
N GLY A 132 -10.69 3.66 -19.16
CA GLY A 132 -11.12 4.73 -18.28
C GLY A 132 -10.93 4.48 -16.78
N THR A 133 -10.76 3.23 -16.37
CA THR A 133 -10.53 2.94 -14.95
C THR A 133 -9.12 3.36 -14.63
N GLU A 134 -8.97 4.09 -13.53
CA GLU A 134 -7.66 4.60 -13.06
C GLU A 134 -7.05 3.59 -12.12
N ILE A 135 -5.72 3.47 -12.19
CA ILE A 135 -5.03 2.44 -11.43
C ILE A 135 -3.90 3.07 -10.63
N GLU A 136 -3.93 2.84 -9.33
CA GLU A 136 -2.88 3.25 -8.40
C GLU A 136 -2.10 2.00 -7.95
N VAL A 137 -0.80 2.16 -7.70
CA VAL A 137 0.03 1.06 -7.27
C VAL A 137 0.55 1.34 -5.88
N LEU A 138 0.47 0.33 -5.02
CA LEU A 138 1.13 0.32 -3.72
C LEU A 138 2.21 -0.76 -3.80
N SER A 139 3.46 -0.35 -3.99
CA SER A 139 4.49 -1.34 -4.30
C SER A 139 5.31 -1.71 -3.08
N PRO A 140 5.88 -2.91 -3.11
CA PRO A 140 6.97 -3.17 -2.16
C PRO A 140 8.18 -2.35 -2.51
N ASP A 141 9.24 -2.53 -1.73
CA ASP A 141 10.40 -1.73 -1.92
C ASP A 141 11.36 -2.19 -3.05
N PHE A 142 11.18 -3.41 -3.56
CA PHE A 142 12.05 -3.99 -4.59
C PHE A 142 13.53 -3.86 -4.22
N ARG A 143 13.86 -3.96 -2.95
CA ARG A 143 15.22 -3.63 -2.56
C ARG A 143 16.21 -4.81 -2.67
N MET A 144 15.71 -6.01 -2.85
CA MET A 144 16.52 -7.22 -2.86
C MET A 144 16.95 -7.55 -4.28
N ASP A 145 17.88 -6.71 -4.67
CA ASP A 145 18.38 -6.35 -5.98
C ASP A 145 19.63 -7.11 -6.44
N ARG A 146 20.27 -7.80 -5.51
CA ARG A 146 21.66 -8.25 -5.70
C ARG A 146 21.77 -9.16 -6.91
N GLY A 147 22.59 -8.74 -7.86
CA GLY A 147 22.83 -9.48 -9.08
C GLY A 147 21.64 -9.58 -10.02
N ARG A 148 20.64 -8.73 -9.79
CA ARG A 148 19.39 -8.77 -10.56
C ARG A 148 19.09 -7.43 -11.19
N LEU A 149 17.98 -7.38 -11.89
CA LEU A 149 17.35 -6.14 -12.25
C LEU A 149 17.33 -5.23 -11.03
N SER A 150 17.73 -3.99 -11.21
CA SER A 150 17.90 -3.08 -10.09
C SER A 150 16.57 -2.65 -9.49
N GLN A 151 16.64 -2.21 -8.23
CA GLN A 151 15.50 -1.55 -7.63
C GLN A 151 14.93 -0.45 -8.54
N ARG A 152 15.83 0.36 -9.08
CA ARG A 152 15.42 1.49 -9.90
C ARG A 152 14.66 1.01 -11.14
N ASP A 153 15.14 -0.06 -11.77
CA ASP A 153 14.46 -0.57 -12.98
C ASP A 153 13.12 -1.26 -12.69
N CYS A 154 12.97 -1.90 -11.54
CA CYS A 154 11.69 -2.44 -11.12
C CYS A 154 10.67 -1.31 -11.01
N ILE A 155 11.03 -0.25 -10.29
CA ILE A 155 10.23 0.97 -10.20
C ILE A 155 9.94 1.56 -11.58
N ALA A 156 10.99 1.71 -12.38
CA ALA A 156 10.83 2.24 -13.73
C ALA A 156 9.84 1.46 -14.60
N GLN A 157 9.80 0.13 -14.50
CA GLN A 157 8.83 -0.65 -15.25
C GLN A 157 7.39 -0.25 -14.93
N ILE A 158 7.12 -0.04 -13.64
CA ILE A 158 5.81 0.37 -13.21
C ILE A 158 5.51 1.82 -13.56
N VAL A 159 6.47 2.72 -13.37
CA VAL A 159 6.30 4.12 -13.66
C VAL A 159 6.02 4.32 -15.17
N ALA A 160 6.63 3.48 -15.98
CA ALA A 160 6.45 3.52 -17.43
C ALA A 160 5.01 3.19 -17.80
N ALA A 161 4.31 2.45 -16.94
CA ALA A 161 2.89 2.20 -17.15
C ALA A 161 1.95 3.31 -16.62
N GLN A 162 2.50 4.40 -16.11
CA GLN A 162 1.71 5.60 -15.83
C GLN A 162 0.58 5.32 -14.85
N PRO A 163 0.94 4.89 -13.65
CA PRO A 163 -0.12 4.84 -12.64
C PRO A 163 -0.64 6.23 -12.25
N ALA A 164 -1.89 6.27 -11.78
CA ALA A 164 -2.52 7.50 -11.35
C ALA A 164 -1.84 8.06 -10.11
N CYS A 165 -1.27 7.13 -9.34
CA CYS A 165 -0.53 7.42 -8.11
C CYS A 165 0.40 6.24 -7.80
N TYR A 166 1.60 6.57 -7.31
CA TYR A 166 2.60 5.57 -6.87
C TYR A 166 2.76 5.68 -5.36
N ASN A 167 2.28 4.67 -4.66
CA ASN A 167 2.23 4.67 -3.18
C ASN A 167 3.30 3.70 -2.71
N HIS A 168 4.12 4.11 -1.74
CA HIS A 168 4.99 3.18 -1.05
C HIS A 168 5.04 3.64 0.40
N ASN A 169 4.65 2.76 1.28
CA ASN A 169 4.49 3.14 2.68
C ASN A 169 5.76 2.98 3.48
N LEU A 170 6.07 4.06 4.17
CA LEU A 170 7.19 4.08 5.11
C LEU A 170 6.83 3.41 6.47
N GLU A 171 5.53 3.39 6.80
CA GLU A 171 4.93 2.63 7.91
C GLU A 171 5.23 3.20 9.29
N THR A 172 6.49 3.51 9.57
CA THR A 172 6.80 4.04 10.92
C THR A 172 7.99 4.95 10.86
N VAL A 173 8.32 5.59 11.98
CA VAL A 173 9.46 6.48 12.02
C VAL A 173 10.76 5.72 12.05
N ARG A 174 11.88 6.42 11.84
CA ARG A 174 13.19 5.79 11.71
C ARG A 174 13.50 4.82 12.83
N ARG A 175 13.26 5.28 14.04
CA ARG A 175 13.65 4.50 15.19
C ARG A 175 12.98 3.14 15.30
N LEU A 176 11.77 3.01 14.74
CA LEU A 176 10.99 1.79 14.92
C LEU A 176 10.98 0.85 13.64
N GLN A 177 11.78 1.21 12.66
CA GLN A 177 11.83 0.40 11.39
C GLN A 177 12.17 -1.08 11.65
N GLY A 178 13.10 -1.34 12.57
CA GLY A 178 13.52 -2.69 12.85
C GLY A 178 12.46 -3.62 13.39
N PRO A 179 11.87 -3.30 14.54
CA PRO A 179 10.83 -4.17 15.09
C PRO A 179 9.53 -4.20 14.29
N VAL A 180 9.25 -3.12 13.58
CA VAL A 180 8.00 -2.99 12.89
C VAL A 180 8.03 -3.68 11.53
N ARG A 181 9.15 -3.57 10.80
CA ARG A 181 9.26 -4.04 9.40
C ARG A 181 10.57 -4.75 9.20
N ARG A 182 10.91 -5.72 10.05
CA ARG A 182 12.16 -6.44 9.93
C ARG A 182 12.37 -6.91 8.51
N GLY A 183 13.21 -6.21 7.77
CA GLY A 183 13.48 -6.61 6.40
C GLY A 183 13.30 -5.47 5.40
N ALA A 184 12.63 -4.40 5.80
CA ALA A 184 12.62 -3.17 5.02
C ALA A 184 13.45 -2.14 5.75
N THR A 185 13.78 -1.06 5.08
CA THR A 185 14.51 0.02 5.76
C THR A 185 13.99 1.41 5.44
N TYR A 186 14.34 2.35 6.33
CA TYR A 186 13.95 3.74 6.19
C TYR A 186 14.48 4.32 4.89
N GLU A 187 15.77 4.12 4.64
CA GLU A 187 16.41 4.78 3.51
C GLU A 187 15.95 4.22 2.18
N SER A 188 15.78 2.91 2.14
CA SER A 188 15.38 2.22 0.93
C SER A 188 13.96 2.65 0.55
N SER A 189 13.10 2.80 1.54
CA SER A 189 11.69 3.16 1.26
C SER A 189 11.62 4.63 0.86
N LEU A 190 12.41 5.49 1.49
CA LEU A 190 12.52 6.85 1.01
C LEU A 190 13.01 6.90 -0.43
N ARG A 191 13.98 6.05 -0.75
CA ARG A 191 14.53 6.00 -2.08
C ARG A 191 13.52 5.61 -3.15
N VAL A 192 12.58 4.74 -2.80
CA VAL A 192 11.53 4.35 -3.75
C VAL A 192 10.79 5.59 -4.17
N LEU A 193 10.42 6.42 -3.20
CA LEU A 193 9.63 7.61 -3.48
C LEU A 193 10.44 8.66 -4.27
N ALA A 194 11.70 8.82 -3.90
CA ALA A 194 12.59 9.71 -4.63
C ALA A 194 12.76 9.25 -6.09
N THR A 195 12.84 7.94 -6.29
CA THR A 195 13.11 7.37 -7.61
C THR A 195 11.95 7.63 -8.54
N VAL A 196 10.72 7.47 -8.05
CA VAL A 196 9.57 7.79 -8.86
C VAL A 196 9.65 9.21 -9.42
N LYS A 197 10.03 10.18 -8.60
CA LYS A 197 10.03 11.57 -9.05
C LYS A 197 11.17 11.84 -10.02
N GLU A 198 12.27 11.10 -9.87
CA GLU A 198 13.40 11.21 -10.80
C GLU A 198 13.00 10.68 -12.17
N LEU A 199 12.24 9.60 -12.18
CA LEU A 199 11.89 8.95 -13.43
C LEU A 199 10.81 9.73 -14.18
N ASN A 200 9.78 10.17 -13.44
CA ASN A 200 8.70 10.96 -13.99
C ASN A 200 8.04 11.83 -12.93
N PRO A 201 8.46 13.11 -12.81
CA PRO A 201 7.96 13.95 -11.72
C PRO A 201 6.43 14.22 -11.72
N ASP A 202 5.75 13.87 -12.83
CA ASP A 202 4.31 14.07 -13.00
C ASP A 202 3.44 12.99 -12.37
N ILE A 203 4.03 11.88 -11.96
CA ILE A 203 3.28 10.85 -11.26
C ILE A 203 3.19 11.26 -9.77
N PRO A 204 1.96 11.42 -9.24
CA PRO A 204 1.84 11.71 -7.81
C PRO A 204 2.35 10.55 -6.96
N THR A 205 3.03 10.88 -5.86
CA THR A 205 3.49 9.87 -4.93
C THR A 205 2.78 10.00 -3.57
N LYS A 206 2.70 8.88 -2.85
CA LYS A 206 1.99 8.79 -1.61
C LYS A 206 2.72 7.88 -0.64
N SER A 207 2.68 8.22 0.66
CA SER A 207 3.19 7.34 1.68
C SER A 207 2.30 7.42 2.91
N GLY A 208 2.16 6.30 3.63
CA GLY A 208 1.39 6.27 4.85
C GLY A 208 2.23 5.83 6.02
N LEU A 209 1.82 6.29 7.21
CA LEU A 209 2.38 5.81 8.47
C LEU A 209 1.23 5.22 9.32
N MET A 210 1.58 4.23 10.15
CA MET A 210 0.68 3.72 11.18
C MET A 210 1.18 4.31 12.52
N LEU A 211 0.27 4.92 13.26
CA LEU A 211 0.62 5.57 14.54
C LEU A 211 0.23 4.68 15.70
N GLY A 212 0.91 4.88 16.86
CA GLY A 212 0.59 4.08 18.02
C GLY A 212 1.56 2.97 18.37
N LEU A 213 2.74 2.98 17.75
CA LEU A 213 3.74 1.95 17.91
C LEU A 213 4.85 2.38 18.88
N GLY A 214 4.69 3.58 19.42
CA GLY A 214 5.67 4.12 20.36
C GLY A 214 6.34 5.39 19.87
N GLU A 215 6.12 5.72 18.60
CA GLU A 215 6.69 6.92 18.02
C GLU A 215 6.15 8.13 18.80
N THR A 216 6.93 9.20 18.83
CA THR A 216 6.54 10.43 19.48
C THR A 216 6.13 11.40 18.42
N GLU A 217 5.39 12.42 18.80
CA GLU A 217 5.01 13.46 17.85
C GLU A 217 6.22 14.13 17.22
N ALA A 218 7.28 14.41 17.99
CA ALA A 218 8.51 14.95 17.40
C ALA A 218 9.07 14.12 16.23
N GLU A 219 9.05 12.82 16.39
CA GLU A 219 9.56 11.90 15.38
C GLU A 219 8.62 11.86 14.20
N ILE A 220 7.32 11.99 14.46
CA ILE A 220 6.35 11.94 13.35
C ILE A 220 6.61 13.14 12.48
N ILE A 221 6.82 14.31 13.09
CA ILE A 221 7.10 15.50 12.29
C ILE A 221 8.37 15.37 11.48
N GLU A 222 9.42 14.78 12.06
CA GLU A 222 10.66 14.62 11.35
C GLU A 222 10.42 13.72 10.12
N THR A 223 9.58 12.73 10.34
CA THR A 223 9.31 11.75 9.27
C THR A 223 8.53 12.42 8.15
N LEU A 224 7.60 13.32 8.47
CA LEU A 224 6.87 14.07 7.45
C LEU A 224 7.82 14.96 6.67
N LYS A 225 8.72 15.63 7.39
CA LYS A 225 9.74 16.40 6.69
C LYS A 225 10.60 15.53 5.76
N ASP A 226 10.97 14.32 6.19
CA ASP A 226 11.79 13.48 5.34
C ASP A 226 11.01 13.12 4.06
N LEU A 227 9.71 12.93 4.20
CA LEU A 227 8.86 12.52 3.06
C LEU A 227 8.79 13.68 2.09
N ARG A 228 8.59 14.89 2.61
CA ARG A 228 8.55 16.05 1.73
C ARG A 228 9.89 16.28 1.01
N ARG A 229 11.01 15.93 1.67
CA ARG A 229 12.32 16.10 1.08
C ARG A 229 12.51 15.28 -0.19
N VAL A 230 11.80 14.15 -0.26
CA VAL A 230 11.86 13.31 -1.46
C VAL A 230 10.63 13.54 -2.34
N GLY A 231 9.94 14.65 -2.11
CA GLY A 231 8.85 15.09 -2.97
C GLY A 231 7.53 14.34 -2.83
N CYS A 232 7.32 13.68 -1.70
CA CYS A 232 6.08 12.93 -1.52
C CYS A 232 4.88 13.87 -1.55
N ASP A 233 3.98 13.68 -2.51
CA ASP A 233 2.85 14.58 -2.66
C ASP A 233 1.73 14.32 -1.64
N ARG A 234 1.52 13.06 -1.25
CA ARG A 234 0.29 12.67 -0.55
C ARG A 234 0.63 11.85 0.70
N LEU A 235 -0.16 12.01 1.76
CA LEU A 235 0.08 11.36 3.04
C LEU A 235 -1.14 10.72 3.60
N THR A 236 -1.00 9.53 4.16
CA THR A 236 -2.02 8.98 5.03
C THR A 236 -1.46 8.64 6.42
N LEU A 237 -2.28 8.91 7.44
CA LEU A 237 -2.01 8.52 8.82
C LEU A 237 -3.19 7.76 9.41
N GLY A 238 -2.90 6.59 9.96
CA GLY A 238 -3.91 5.75 10.57
C GLY A 238 -3.36 5.10 11.83
N GLN A 239 -4.24 4.44 12.56
CA GLN A 239 -3.88 3.80 13.80
C GLN A 239 -3.46 2.37 13.57
N TYR A 240 -2.31 2.01 14.13
CA TYR A 240 -1.89 0.62 14.26
C TYR A 240 -2.88 -0.21 15.06
N LEU A 241 -3.39 -1.27 14.44
CA LEU A 241 -4.28 -2.23 15.11
C LEU A 241 -3.61 -3.59 15.13
N PRO A 242 -3.20 -4.08 16.30
CA PRO A 242 -2.40 -5.32 16.32
C PRO A 242 -3.21 -6.55 15.90
N PRO A 243 -2.68 -7.35 14.95
CA PRO A 243 -3.30 -8.65 14.67
C PRO A 243 -3.29 -9.54 15.91
N SER A 244 -4.33 -10.36 16.05
CA SER A 244 -4.60 -11.07 17.30
C SER A 244 -3.36 -11.77 17.88
N LEU A 245 -2.59 -12.45 17.04
CA LEU A 245 -1.45 -13.21 17.51
C LEU A 245 -0.12 -12.49 17.24
N SER A 246 -0.18 -11.19 16.98
CA SER A 246 1.04 -10.42 16.75
C SER A 246 1.79 -10.12 18.03
N HIS A 247 3.11 -10.30 18.00
CA HIS A 247 3.94 -10.00 19.17
C HIS A 247 4.30 -8.52 19.22
N LEU A 248 3.83 -7.75 18.23
CA LEU A 248 4.08 -6.31 18.17
C LEU A 248 2.96 -5.54 18.86
N PRO A 249 3.20 -5.06 20.10
CA PRO A 249 2.10 -4.42 20.85
C PRO A 249 1.75 -3.01 20.40
N VAL A 250 0.50 -2.62 20.58
CA VAL A 250 0.11 -1.21 20.44
C VAL A 250 0.57 -0.50 21.72
N VAL A 251 1.09 0.71 21.61
CA VAL A 251 1.61 1.48 22.75
C VAL A 251 0.64 2.57 23.13
N LYS A 252 -0.03 3.10 22.12
CA LYS A 252 -0.87 4.25 22.26
C LYS A 252 -1.99 4.28 21.20
N TYR A 253 -3.21 4.65 21.63
CA TYR A 253 -4.30 4.99 20.72
C TYR A 253 -4.39 6.50 20.52
N TRP A 254 -4.02 6.95 19.34
CA TRP A 254 -4.08 8.36 19.03
C TRP A 254 -5.54 8.80 18.84
N THR A 255 -5.91 9.94 19.42
CA THR A 255 -7.31 10.39 19.38
C THR A 255 -7.67 11.03 18.05
N PRO A 256 -8.97 11.05 17.70
CA PRO A 256 -9.38 11.77 16.49
C PRO A 256 -8.85 13.20 16.44
N GLU A 257 -8.76 13.88 17.57
CA GLU A 257 -8.27 15.24 17.54
C GLU A 257 -6.79 15.28 17.20
N GLU A 258 -6.02 14.33 17.70
CA GLU A 258 -4.61 14.28 17.43
C GLU A 258 -4.38 14.01 15.93
N PHE A 259 -5.20 13.16 15.35
CA PHE A 259 -5.08 12.87 13.92
C PHE A 259 -5.42 14.12 13.12
N ASN A 260 -6.45 14.83 13.55
CA ASN A 260 -6.82 16.07 12.86
C ASN A 260 -5.73 17.12 12.89
N THR A 261 -5.07 17.30 14.03
CA THR A 261 -4.02 18.33 14.12
C THR A 261 -2.80 17.90 13.29
N LEU A 262 -2.46 16.62 13.31
CA LEU A 262 -1.42 16.09 12.41
C LEU A 262 -1.77 16.24 10.93
N GLY A 263 -3.04 16.01 10.60
CA GLY A 263 -3.53 16.21 9.25
C GLY A 263 -3.30 17.64 8.81
N ASN A 264 -3.62 18.58 9.70
CA ASN A 264 -3.36 19.98 9.40
C ASN A 264 -1.86 20.31 9.28
N ILE A 265 -1.04 19.72 10.13
CA ILE A 265 0.38 19.95 10.07
C ILE A 265 0.92 19.49 8.73
N ALA A 266 0.40 18.35 8.27
CA ALA A 266 0.84 17.76 7.00
C ALA A 266 0.50 18.71 5.86
N ARG A 267 -0.73 19.23 5.90
CA ARG A 267 -1.17 20.17 4.89
C ARG A 267 -0.26 21.40 4.86
N GLU A 268 0.14 21.85 6.05
CA GLU A 268 1.01 23.02 6.14
C GLU A 268 2.43 22.73 5.63
N LEU A 269 2.89 21.48 5.71
CA LEU A 269 4.19 21.10 5.15
C LEU A 269 4.11 20.85 3.63
N GLY A 270 2.92 20.88 3.07
CA GLY A 270 2.78 20.84 1.61
C GLY A 270 2.17 19.58 1.05
N PHE A 271 1.76 18.64 1.89
CA PHE A 271 1.03 17.45 1.39
C PHE A 271 -0.36 17.82 0.92
N SER A 272 -0.80 17.14 -0.14
CA SER A 272 -2.22 17.16 -0.55
C SER A 272 -2.87 15.77 -0.43
N HIS A 273 -4.18 15.72 -0.68
CA HIS A 273 -4.96 14.48 -0.53
C HIS A 273 -4.69 13.82 0.81
N VAL A 274 -4.45 14.63 1.83
CA VAL A 274 -4.14 14.13 3.16
C VAL A 274 -5.33 13.44 3.81
N ARG A 275 -5.10 12.25 4.36
CA ARG A 275 -6.13 11.50 5.04
C ARG A 275 -5.57 11.01 6.36
N SER A 276 -6.22 11.41 7.45
CA SER A 276 -5.64 11.21 8.77
C SER A 276 -6.76 10.87 9.74
N GLY A 277 -6.73 9.68 10.32
CA GLY A 277 -7.80 9.28 11.20
C GLY A 277 -7.58 7.86 11.65
N PRO A 278 -8.21 7.42 12.73
CA PRO A 278 -7.93 6.08 13.27
C PRO A 278 -8.03 4.93 12.26
N LEU A 279 -9.07 4.89 11.43
CA LEU A 279 -9.28 3.75 10.57
C LEU A 279 -8.65 3.91 9.18
N VAL A 280 -7.97 5.03 8.98
CA VAL A 280 -7.32 5.30 7.67
C VAL A 280 -6.23 4.27 7.34
N ARG A 281 -6.17 3.94 6.05
CA ARG A 281 -5.11 3.13 5.47
C ARG A 281 -4.74 3.81 4.17
N SER A 282 -3.58 3.46 3.59
CA SER A 282 -3.07 4.29 2.50
C SER A 282 -3.97 4.23 1.25
N SER A 283 -4.71 3.13 1.06
CA SER A 283 -5.71 3.03 -0.03
C SER A 283 -7.08 3.72 0.22
N TYR A 284 -7.31 4.19 1.43
CA TYR A 284 -8.64 4.73 1.81
C TYR A 284 -8.92 6.09 1.13
N HIS A 285 -10.03 6.13 0.38
CA HIS A 285 -10.39 7.34 -0.36
C HIS A 285 -9.26 7.80 -1.25
N ALA A 286 -8.58 6.85 -1.89
CA ALA A 286 -7.45 7.21 -2.73
C ALA A 286 -7.92 7.97 -3.95
N ALA A 287 -9.14 7.67 -4.39
CA ALA A 287 -9.67 8.28 -5.63
C ALA A 287 -9.87 9.78 -5.52
N GLU A 288 -10.14 10.27 -4.31
CA GLU A 288 -10.21 11.71 -4.05
C GLU A 288 -11.15 12.45 -5.00
#